data_2Q71
#
_entry.id   2Q71
#
_cell.length_a   103.037
_cell.length_b   103.037
_cell.length_c   71.865
_cell.angle_alpha   90.000
_cell.angle_beta   90.000
_cell.angle_gamma   120.000
#
_symmetry.space_group_name_H-M   'P 31 2 1'
#
loop_
_entity.id
_entity.type
_entity.pdbx_description
1 polymer 'Uroporphyrinogen decarboxylase'
2 non-polymer 'COPROPORPHYRINOGEN III'
3 water water
#
_entity_poly.entity_id   1
_entity_poly.type   'polypeptide(L)'
_entity_poly.pdbx_seq_one_letter_code
;FPELKNDTFLRAAWGEETDYTPVWCMRQAGRYLPEFRETRAAQDFFSTCRSPEACCELTLQPLRRFPLDAAIIFSDILVV
PQALGMEVTMVPGKGPSFPEPLREEQDLERLRDPEVVASELGYVFQAITLTRQRLAGRVPLIGFAGAPWTLMTYMVERGG
SSTMAQAKRWLYQRPQASHQLLRILTDALVPYLVGQVVAGAQALQLFESHAGHLGPQLFNKFALPYIRDVAKQVKARLRE
AGLAPVPMIIFAKDGHFALEELAQAGYEVVGLDWTVAPKKARECVGKTVTLQGNLDPCALYASEEEIGQLVKQMLDDFGP
HRYIANLGHGLYPDMDPEHVGAFVDAVHKHSRLLRQ
;
_entity_poly.pdbx_strand_id   A
#
loop_
_chem_comp.id
_chem_comp.type
_chem_comp.name
_chem_comp.formula
CP3 non-polymer 'COPROPORPHYRINOGEN III' 'C36 H44 N4 O8'
#
# COMPACT_ATOMS: atom_id res chain seq x y z
N PHE A 1 9.29 -6.92 -21.32
CA PHE A 1 8.28 -7.69 -20.52
C PHE A 1 7.09 -8.21 -21.35
N PRO A 2 6.52 -9.35 -20.94
CA PRO A 2 5.39 -9.90 -21.66
C PRO A 2 4.24 -8.90 -21.71
N GLU A 3 3.47 -8.95 -22.77
CA GLU A 3 2.31 -8.08 -22.91
C GLU A 3 1.18 -8.45 -21.90
N LEU A 4 0.57 -7.42 -21.32
CA LEU A 4 -0.43 -7.63 -20.28
C LEU A 4 -1.69 -8.19 -20.89
N LYS A 5 -2.15 -9.29 -20.33
CA LYS A 5 -3.38 -9.93 -20.78
C LYS A 5 -4.63 -9.35 -20.14
N ASN A 6 -4.71 -9.37 -18.81
CA ASN A 6 -5.88 -8.81 -18.13
C ASN A 6 -5.47 -7.46 -17.57
N ASP A 7 -6.00 -6.36 -18.14
CA ASP A 7 -5.63 -5.02 -17.67
C ASP A 7 -6.80 -4.31 -17.00
N THR A 8 -7.81 -5.07 -16.60
CA THR A 8 -9.00 -4.50 -15.98
C THR A 8 -8.67 -3.55 -14.80
N PHE A 9 -7.76 -3.98 -13.92
CA PHE A 9 -7.33 -3.21 -12.77
C PHE A 9 -6.80 -1.85 -13.21
N LEU A 10 -5.96 -1.82 -14.27
CA LEU A 10 -5.36 -0.54 -14.75
C LEU A 10 -6.43 0.37 -15.36
N ARG A 11 -7.32 -0.24 -16.14
CA ARG A 11 -8.42 0.50 -16.75
C ARG A 11 -9.32 1.14 -15.70
N ALA A 12 -9.69 0.39 -14.65
CA ALA A 12 -10.47 1.00 -13.57
C ALA A 12 -9.69 2.11 -12.85
N ALA A 13 -8.39 1.87 -12.59
CA ALA A 13 -7.51 2.84 -11.92
C ALA A 13 -7.49 4.18 -12.62
N TRP A 14 -7.38 4.16 -13.94
CA TRP A 14 -7.38 5.39 -14.72
C TRP A 14 -8.78 5.96 -14.88
N GLY A 15 -9.80 5.21 -14.49
CA GLY A 15 -11.17 5.74 -14.50
C GLY A 15 -12.01 5.33 -15.69
N GLU A 16 -11.56 4.32 -16.42
CA GLU A 16 -12.28 3.86 -17.60
C GLU A 16 -13.33 2.83 -17.29
N GLU A 17 -14.33 2.77 -18.15
CA GLU A 17 -15.39 1.76 -18.01
C GLU A 17 -14.79 0.36 -18.21
N THR A 18 -15.23 -0.60 -17.40
CA THR A 18 -14.84 -2.01 -17.55
C THR A 18 -16.05 -2.94 -17.52
N ASP A 19 -15.86 -4.18 -17.95
CA ASP A 19 -16.95 -5.13 -17.99
C ASP A 19 -17.31 -5.73 -16.64
N TYR A 20 -16.38 -5.61 -15.69
CA TYR A 20 -16.57 -6.07 -14.33
C TYR A 20 -15.67 -5.27 -13.40
N THR A 21 -15.92 -5.39 -12.10
CA THR A 21 -15.10 -4.70 -11.11
C THR A 21 -13.87 -5.52 -10.77
N PRO A 22 -12.68 -4.97 -10.99
CA PRO A 22 -11.47 -5.70 -10.66
C PRO A 22 -11.29 -5.71 -9.12
N VAL A 23 -10.63 -6.74 -8.61
CA VAL A 23 -10.48 -6.92 -7.16
C VAL A 23 -9.09 -7.47 -6.82
N TRP A 24 -8.54 -7.02 -5.71
CA TRP A 24 -7.36 -7.60 -5.13
C TRP A 24 -7.48 -7.39 -3.62
N CYS A 25 -6.59 -7.98 -2.83
CA CYS A 25 -6.68 -7.84 -1.36
C CYS A 25 -5.34 -7.43 -0.80
N MET A 26 -5.37 -6.42 0.05
CA MET A 26 -4.14 -6.06 0.76
C MET A 26 -3.75 -7.26 1.62
N ARG A 27 -2.44 -7.57 1.64
CA ARG A 27 -1.85 -8.77 2.31
C ARG A 27 -2.32 -10.12 1.71
N GLN A 28 -2.67 -10.10 0.42
CA GLN A 28 -3.10 -11.33 -0.25
C GLN A 28 -1.99 -12.39 -0.25
N ALA A 29 -0.72 -11.96 -0.28
CA ALA A 29 0.41 -12.84 0.07
C ALA A 29 0.65 -12.66 1.57
N GLY A 30 0.10 -13.57 2.37
CA GLY A 30 0.18 -13.46 3.84
C GLY A 30 -0.05 -14.76 4.57
N ARG A 31 -0.02 -14.68 5.90
CA ARG A 31 0.03 -15.82 6.82
C ARG A 31 -1.23 -16.67 6.81
N TYR A 32 -2.32 -16.10 6.33
CA TYR A 32 -3.59 -16.82 6.24
C TYR A 32 -3.45 -17.98 5.21
N LEU A 33 -2.44 -17.91 4.34
CA LEU A 33 -2.10 -19.00 3.39
C LEU A 33 -1.13 -20.00 4.02
N PRO A 34 -1.50 -21.28 4.13
CA PRO A 34 -0.58 -22.28 4.67
C PRO A 34 0.72 -22.37 3.87
N GLU A 35 0.63 -22.23 2.54
CA GLU A 35 1.81 -22.24 1.70
C GLU A 35 2.75 -21.06 1.95
N PHE A 36 2.20 -19.93 2.37
CA PHE A 36 3.01 -18.78 2.75
C PHE A 36 3.88 -19.11 3.98
N ARG A 37 3.26 -19.69 5.00
CA ARG A 37 3.95 -20.02 6.25
C ARG A 37 5.09 -20.99 5.99
N GLU A 38 4.79 -22.01 5.19
CA GLU A 38 5.74 -23.01 4.70
C GLU A 38 6.98 -22.36 4.04
N THR A 39 6.74 -21.53 3.03
N THR A 39 6.73 -21.52 3.03
CA THR A 39 7.83 -20.83 2.34
CA THR A 39 7.81 -20.81 2.33
C THR A 39 8.61 -19.93 3.31
C THR A 39 8.60 -19.90 3.27
N ARG A 40 7.87 -19.17 4.11
CA ARG A 40 8.48 -18.29 5.11
C ARG A 40 9.25 -19.01 6.22
N ALA A 41 8.98 -20.29 6.43
CA ALA A 41 9.72 -21.02 7.46
C ALA A 41 11.22 -21.22 7.13
N ALA A 42 11.55 -21.11 5.84
CA ALA A 42 12.92 -21.30 5.29
C ALA A 42 13.96 -20.16 5.51
N GLN A 43 13.51 -18.90 5.49
CA GLN A 43 14.40 -17.77 5.86
C GLN A 43 13.76 -16.95 7.00
N ASP A 44 14.53 -16.09 7.65
CA ASP A 44 13.94 -15.03 8.48
C ASP A 44 13.27 -13.98 7.56
N PHE A 45 12.48 -13.07 8.14
CA PHE A 45 11.60 -12.21 7.32
C PHE A 45 12.34 -11.30 6.36
N PHE A 46 13.34 -10.59 6.86
CA PHE A 46 14.04 -9.62 6.01
C PHE A 46 14.99 -10.31 5.03
N SER A 47 15.35 -11.55 5.34
N SER A 47 15.36 -11.55 5.35
CA SER A 47 16.12 -12.38 4.41
CA SER A 47 16.11 -12.40 4.43
C SER A 47 15.23 -12.87 3.25
C SER A 47 15.24 -12.86 3.25
N THR A 48 14.01 -13.28 3.57
CA THR A 48 12.96 -13.54 2.57
C THR A 48 12.84 -12.33 1.63
N CYS A 49 12.75 -11.12 2.20
CA CYS A 49 12.58 -9.90 1.40
C CYS A 49 13.75 -9.66 0.44
N ARG A 50 14.93 -10.15 0.81
N ARG A 50 14.94 -10.12 0.81
CA ARG A 50 16.16 -10.00 0.04
CA ARG A 50 16.15 -9.96 -0.03
C ARG A 50 16.42 -11.12 -0.97
C ARG A 50 16.37 -11.07 -1.06
N SER A 51 15.49 -12.06 -1.07
CA SER A 51 15.56 -13.13 -2.05
C SER A 51 14.52 -12.89 -3.17
N PRO A 52 14.98 -12.48 -4.36
CA PRO A 52 14.05 -12.31 -5.50
C PRO A 52 13.14 -13.52 -5.74
N GLU A 53 13.70 -14.74 -5.71
CA GLU A 53 12.85 -15.96 -5.91
C GLU A 53 11.81 -16.18 -4.82
N ALA A 54 12.19 -15.98 -3.56
CA ALA A 54 11.22 -16.12 -2.47
C ALA A 54 10.11 -15.08 -2.62
N CYS A 55 10.50 -13.86 -2.95
CA CYS A 55 9.50 -12.78 -3.11
C CYS A 55 8.53 -13.06 -4.26
N CYS A 56 9.08 -13.53 -5.38
CA CYS A 56 8.28 -13.89 -6.53
C CYS A 56 7.29 -15.02 -6.17
N GLU A 57 7.81 -16.07 -5.51
CA GLU A 57 6.95 -17.18 -5.09
C GLU A 57 5.76 -16.75 -4.20
N LEU A 58 6.01 -15.95 -3.18
CA LEU A 58 4.95 -15.49 -2.28
C LEU A 58 3.91 -14.63 -3.00
N THR A 59 4.37 -13.82 -3.93
CA THR A 59 3.50 -12.99 -4.76
C THR A 59 2.53 -13.84 -5.59
N LEU A 60 3.07 -14.89 -6.19
CA LEU A 60 2.31 -15.78 -7.07
C LEU A 60 1.31 -16.63 -6.30
N GLN A 61 1.64 -17.00 -5.07
CA GLN A 61 0.78 -17.94 -4.30
C GLN A 61 -0.73 -17.65 -4.33
N PRO A 62 -1.17 -16.44 -3.95
CA PRO A 62 -2.61 -16.13 -4.00
C PRO A 62 -3.25 -16.23 -5.39
N LEU A 63 -2.51 -15.85 -6.43
N LEU A 63 -2.49 -15.88 -6.44
CA LEU A 63 -2.99 -15.95 -7.80
CA LEU A 63 -2.99 -15.97 -7.84
C LEU A 63 -3.29 -17.39 -8.24
C LEU A 63 -3.15 -17.39 -8.37
N ARG A 64 -2.54 -18.35 -7.69
CA ARG A 64 -2.76 -19.78 -7.96
C ARG A 64 -4.06 -20.26 -7.31
N ARG A 65 -4.48 -19.59 -6.24
CA ARG A 65 -5.75 -19.89 -5.59
C ARG A 65 -6.95 -19.10 -6.12
N PHE A 66 -6.75 -17.82 -6.42
CA PHE A 66 -7.87 -16.92 -6.72
C PHE A 66 -7.62 -16.14 -8.02
N PRO A 67 -8.68 -15.92 -8.81
CA PRO A 67 -8.54 -15.09 -10.01
C PRO A 67 -8.50 -13.60 -9.64
N LEU A 68 -7.54 -13.22 -8.81
CA LEU A 68 -7.34 -11.82 -8.43
C LEU A 68 -6.95 -11.02 -9.66
N ASP A 69 -7.36 -9.76 -9.73
CA ASP A 69 -7.10 -8.94 -10.91
C ASP A 69 -5.80 -8.14 -10.84
N ALA A 70 -5.05 -8.31 -9.75
CA ALA A 70 -3.72 -7.70 -9.63
C ALA A 70 -2.86 -8.53 -8.67
N ALA A 71 -1.56 -8.52 -8.91
CA ALA A 71 -0.57 -9.04 -7.97
C ALA A 71 0.06 -7.84 -7.25
N ILE A 72 0.49 -8.04 -6.00
CA ILE A 72 1.29 -7.02 -5.34
C ILE A 72 2.61 -7.64 -4.88
N ILE A 73 3.72 -6.98 -5.16
CA ILE A 73 5.00 -7.57 -4.80
C ILE A 73 5.09 -7.89 -3.29
N PHE A 74 5.73 -9.01 -2.96
CA PHE A 74 6.12 -9.26 -1.59
C PHE A 74 7.38 -8.45 -1.19
N SER A 75 7.19 -7.60 -0.19
CA SER A 75 8.25 -6.75 0.35
C SER A 75 7.67 -6.19 1.64
N ASP A 76 8.26 -5.14 2.18
CA ASP A 76 7.65 -4.48 3.33
C ASP A 76 7.89 -3.00 3.28
N ILE A 77 7.01 -2.19 3.90
CA ILE A 77 7.28 -0.74 3.92
C ILE A 77 8.54 -0.38 4.71
N LEU A 78 8.91 -1.26 5.65
CA LEU A 78 9.99 -0.92 6.56
C LEU A 78 11.36 -1.06 5.95
N VAL A 79 11.45 -1.56 4.72
CA VAL A 79 12.75 -1.61 4.04
C VAL A 79 13.36 -0.22 3.81
N VAL A 80 12.51 0.79 3.73
CA VAL A 80 13.01 2.17 3.56
C VAL A 80 13.78 2.70 4.79
N PRO A 81 13.17 2.76 6.00
CA PRO A 81 13.93 3.07 7.23
C PRO A 81 15.21 2.23 7.39
N GLN A 82 15.16 0.95 7.02
N GLN A 82 15.15 0.93 7.04
CA GLN A 82 16.33 0.10 7.13
CA GLN A 82 16.31 0.05 7.08
C GLN A 82 17.43 0.52 6.15
C GLN A 82 17.40 0.58 6.17
N ALA A 83 17.03 0.83 4.91
CA ALA A 83 17.97 1.33 3.90
C ALA A 83 18.50 2.72 4.25
N LEU A 84 17.76 3.47 5.08
CA LEU A 84 18.23 4.74 5.63
C LEU A 84 19.23 4.59 6.79
N GLY A 85 19.45 3.34 7.20
CA GLY A 85 20.43 3.06 8.23
C GLY A 85 19.91 2.63 9.58
N MET A 86 18.60 2.44 9.70
CA MET A 86 18.07 1.95 10.95
C MET A 86 18.00 0.42 11.03
N GLU A 87 18.36 -0.13 12.18
CA GLU A 87 18.23 -1.57 12.43
C GLU A 87 16.77 -1.92 12.77
N VAL A 88 16.21 -2.90 12.06
CA VAL A 88 14.83 -3.32 12.30
C VAL A 88 14.82 -4.84 12.50
N THR A 89 14.23 -5.31 13.60
CA THR A 89 14.18 -6.75 13.84
C THR A 89 12.74 -7.23 13.77
N MET A 90 12.52 -8.45 13.29
CA MET A 90 11.20 -9.06 13.31
C MET A 90 11.06 -9.89 14.57
N VAL A 91 10.27 -9.38 15.53
CA VAL A 91 10.14 -10.00 16.84
C VAL A 91 9.12 -11.15 16.80
N PRO A 92 9.58 -12.37 17.13
CA PRO A 92 8.75 -13.59 17.10
C PRO A 92 7.37 -13.34 17.66
N GLY A 93 6.36 -13.61 16.84
CA GLY A 93 4.94 -13.42 17.18
C GLY A 93 4.58 -12.05 17.73
N LYS A 94 5.38 -11.03 17.40
CA LYS A 94 5.16 -9.66 17.90
C LYS A 94 5.37 -8.57 16.84
N GLY A 95 5.97 -8.92 15.70
CA GLY A 95 6.08 -8.00 14.58
C GLY A 95 7.38 -7.23 14.49
N PRO A 96 7.40 -6.19 13.64
CA PRO A 96 8.59 -5.35 13.43
C PRO A 96 8.95 -4.54 14.64
N SER A 97 10.25 -4.37 14.87
CA SER A 97 10.71 -3.55 15.97
C SER A 97 12.00 -2.83 15.56
N PHE A 98 12.09 -1.57 15.98
CA PHE A 98 13.30 -0.77 15.88
C PHE A 98 13.85 -0.68 17.30
N PRO A 99 14.84 -1.49 17.60
CA PRO A 99 15.46 -1.50 18.92
C PRO A 99 16.03 -0.12 19.32
N GLU A 100 16.49 0.66 18.34
CA GLU A 100 17.05 1.99 18.59
C GLU A 100 16.35 3.12 17.78
N PRO A 101 15.14 3.51 18.20
CA PRO A 101 14.42 4.61 17.49
C PRO A 101 15.17 5.94 17.54
N LEU A 102 14.90 6.82 16.58
CA LEU A 102 15.38 8.19 16.64
C LEU A 102 14.75 8.84 17.86
N ARG A 103 15.56 9.38 18.74
CA ARG A 103 15.00 9.91 19.97
C ARG A 103 14.99 11.43 20.01
N GLU A 104 15.94 12.05 19.33
CA GLU A 104 16.05 13.50 19.29
C GLU A 104 16.56 13.97 17.94
N GLU A 105 16.58 15.29 17.73
CA GLU A 105 16.91 15.84 16.42
C GLU A 105 18.30 15.41 15.98
N GLN A 106 19.18 15.23 16.96
CA GLN A 106 20.58 14.88 16.69
C GLN A 106 20.70 13.49 16.06
N ASP A 107 19.77 12.60 16.39
CA ASP A 107 19.74 11.25 15.79
C ASP A 107 19.58 11.20 14.26
N LEU A 108 19.10 12.29 13.65
CA LEU A 108 18.98 12.37 12.18
C LEU A 108 20.33 12.19 11.50
N GLU A 109 21.41 12.49 12.22
CA GLU A 109 22.78 12.33 11.72
C GLU A 109 23.17 10.90 11.31
N ARG A 110 22.53 9.88 11.90
N ARG A 110 22.53 9.90 11.89
CA ARG A 110 22.87 8.50 11.57
CA ARG A 110 22.88 8.53 11.55
C ARG A 110 22.10 7.92 10.36
C ARG A 110 22.35 8.07 10.19
N LEU A 111 21.32 8.77 9.69
CA LEU A 111 20.64 8.36 8.46
C LEU A 111 21.53 8.53 7.22
N ARG A 112 21.44 7.61 6.25
CA ARG A 112 22.05 7.77 4.94
C ARG A 112 21.48 8.97 4.22
N ASP A 113 22.30 9.61 3.39
CA ASP A 113 21.80 10.57 2.40
C ASP A 113 20.66 9.85 1.64
N PRO A 114 19.44 10.44 1.56
CA PRO A 114 18.31 9.77 0.93
C PRO A 114 18.53 9.37 -0.55
N GLU A 115 19.42 10.08 -1.24
CA GLU A 115 19.75 9.81 -2.63
C GLU A 115 20.41 8.44 -2.88
N VAL A 116 21.01 7.87 -1.85
CA VAL A 116 21.68 6.56 -1.98
C VAL A 116 20.77 5.37 -1.65
N VAL A 117 19.55 5.67 -1.19
CA VAL A 117 18.60 4.64 -0.74
C VAL A 117 18.13 3.65 -1.85
N ALA A 118 17.81 4.16 -3.03
CA ALA A 118 17.40 3.32 -4.17
C ALA A 118 18.45 2.23 -4.45
N SER A 119 19.73 2.59 -4.36
CA SER A 119 20.76 1.62 -4.67
C SER A 119 20.89 0.57 -3.56
N GLU A 120 20.53 0.94 -2.34
CA GLU A 120 20.44 -0.02 -1.23
C GLU A 120 19.28 -1.03 -1.39
N LEU A 121 18.29 -0.67 -2.20
CA LEU A 121 17.06 -1.47 -2.33
C LEU A 121 17.00 -2.18 -3.67
N GLY A 122 18.16 -2.38 -4.27
CA GLY A 122 18.31 -3.13 -5.53
C GLY A 122 17.66 -4.51 -5.49
N TYR A 123 17.74 -5.19 -4.35
CA TYR A 123 17.07 -6.48 -4.14
C TYR A 123 15.54 -6.43 -4.39
N VAL A 124 14.92 -5.31 -4.04
CA VAL A 124 13.49 -5.16 -4.27
C VAL A 124 13.28 -5.01 -5.78
N PHE A 125 14.13 -4.22 -6.43
CA PHE A 125 14.02 -4.08 -7.89
C PHE A 125 14.15 -5.45 -8.59
N GLN A 126 15.10 -6.27 -8.13
CA GLN A 126 15.29 -7.63 -8.67
C GLN A 126 14.05 -8.49 -8.49
N ALA A 127 13.45 -8.47 -7.29
CA ALA A 127 12.19 -9.17 -7.05
C ALA A 127 11.08 -8.70 -8.02
N ILE A 128 10.96 -7.38 -8.24
CA ILE A 128 9.89 -6.85 -9.11
C ILE A 128 10.03 -7.36 -10.55
N THR A 129 11.25 -7.25 -11.08
CA THR A 129 11.56 -7.73 -12.45
C THR A 129 11.29 -9.21 -12.61
N LEU A 130 11.81 -10.00 -11.68
CA LEU A 130 11.64 -11.43 -11.72
C LEU A 130 10.14 -11.74 -11.70
N THR A 131 9.41 -11.08 -10.79
CA THR A 131 7.98 -11.34 -10.64
C THR A 131 7.19 -10.91 -11.89
N ARG A 132 7.56 -9.76 -12.47
CA ARG A 132 6.90 -9.28 -13.70
C ARG A 132 7.15 -10.30 -14.83
N GLN A 133 8.38 -10.79 -14.95
N GLN A 133 8.39 -10.78 -14.94
CA GLN A 133 8.68 -11.81 -15.97
CA GLN A 133 8.73 -11.83 -15.93
C GLN A 133 7.85 -13.10 -15.74
C GLN A 133 7.87 -13.09 -15.74
N ARG A 134 7.83 -13.60 -14.49
CA ARG A 134 7.16 -14.88 -14.18
C ARG A 134 5.65 -14.80 -14.28
N LEU A 135 5.08 -13.64 -13.94
CA LEU A 135 3.63 -13.46 -14.07
C LEU A 135 3.20 -13.57 -15.53
N ALA A 136 4.14 -13.23 -16.40
CA ALA A 136 3.99 -13.39 -17.85
C ALA A 136 2.74 -12.70 -18.42
N GLY A 137 2.43 -11.52 -17.90
CA GLY A 137 1.32 -10.70 -18.41
C GLY A 137 -0.06 -11.08 -17.87
N ARG A 138 -0.13 -12.02 -16.93
CA ARG A 138 -1.44 -12.49 -16.45
C ARG A 138 -2.32 -11.32 -15.94
N VAL A 139 -1.77 -10.56 -14.99
CA VAL A 139 -2.40 -9.38 -14.34
C VAL A 139 -1.30 -8.38 -14.05
N PRO A 140 -1.63 -7.10 -13.85
CA PRO A 140 -0.62 -6.10 -13.47
C PRO A 140 -0.01 -6.37 -12.09
N LEU A 141 1.21 -5.88 -11.93
CA LEU A 141 1.99 -5.98 -10.70
C LEU A 141 2.04 -4.61 -9.99
N ILE A 142 1.57 -4.60 -8.75
CA ILE A 142 1.60 -3.38 -7.93
C ILE A 142 2.88 -3.33 -7.08
N GLY A 143 3.59 -2.23 -7.17
CA GLY A 143 4.69 -1.97 -6.24
C GLY A 143 4.16 -1.03 -5.15
N PHE A 144 4.94 -0.78 -4.10
CA PHE A 144 4.40 0.01 -2.98
C PHE A 144 5.47 0.57 -2.04
N ALA A 145 5.09 1.52 -1.21
CA ALA A 145 5.99 2.04 -0.14
C ALA A 145 5.12 2.70 0.92
N GLY A 146 5.70 2.91 2.10
CA GLY A 146 5.02 3.67 3.16
C GLY A 146 5.10 5.15 2.89
N ALA A 147 4.09 5.88 3.33
CA ALA A 147 4.08 7.33 3.20
C ALA A 147 5.02 7.94 4.26
N PRO A 148 5.59 9.12 4.01
CA PRO A 148 6.50 9.72 4.96
C PRO A 148 6.07 9.75 6.41
N TRP A 149 4.89 10.29 6.72
CA TRP A 149 4.45 10.34 8.13
C TRP A 149 4.44 8.94 8.75
N THR A 150 3.81 7.99 8.06
CA THR A 150 3.69 6.63 8.62
C THR A 150 5.08 6.06 8.91
N LEU A 151 6.03 6.28 7.99
CA LEU A 151 7.39 5.74 8.15
C LEU A 151 8.07 6.42 9.33
N MET A 152 7.83 7.73 9.47
CA MET A 152 8.33 8.49 10.63
C MET A 152 7.86 7.87 11.94
N THR A 153 6.58 7.47 12.03
CA THR A 153 6.07 6.87 13.29
C THR A 153 6.84 5.61 13.69
N TYR A 154 7.16 4.78 12.71
CA TYR A 154 8.01 3.61 12.97
C TYR A 154 9.41 3.97 13.37
N MET A 155 9.93 5.08 12.83
CA MET A 155 11.31 5.46 13.14
C MET A 155 11.53 6.10 14.52
N VAL A 156 10.46 6.67 15.05
CA VAL A 156 10.54 7.48 16.25
C VAL A 156 9.92 6.77 17.47
N GLU A 157 9.02 5.83 17.24
CA GLU A 157 8.26 5.26 18.34
C GLU A 157 8.99 4.04 18.88
N ARG A 158 8.85 3.77 20.17
CA ARG A 158 9.32 2.48 20.67
C ARG A 158 8.24 1.40 20.71
N GLY A 159 7.48 1.29 19.62
CA GLY A 159 6.69 0.10 19.30
C GLY A 159 5.38 -0.19 20.02
N GLY A 160 4.38 -0.59 19.24
CA GLY A 160 3.07 -0.99 19.74
C GLY A 160 2.26 0.11 20.41
N SER A 161 2.26 1.30 19.80
CA SER A 161 1.51 2.44 20.38
C SER A 161 0.15 2.61 19.74
N SER A 162 -0.89 2.77 20.57
CA SER A 162 -2.21 3.07 20.04
C SER A 162 -2.47 4.59 19.90
N THR A 163 -1.45 5.40 20.20
CA THR A 163 -1.60 6.88 20.22
C THR A 163 -0.60 7.63 19.35
N MET A 164 0.52 6.99 19.00
CA MET A 164 1.66 7.66 18.38
C MET A 164 2.02 8.93 19.15
N ALA A 165 1.98 8.87 20.48
CA ALA A 165 2.21 10.07 21.31
C ALA A 165 3.62 10.63 21.12
N GLN A 166 4.63 9.77 20.98
N GLN A 166 4.60 9.75 20.96
CA GLN A 166 6.00 10.25 20.78
CA GLN A 166 6.01 10.14 20.78
C GLN A 166 6.16 10.90 19.41
C GLN A 166 6.20 10.84 19.43
N ALA A 167 5.65 10.23 18.38
CA ALA A 167 5.69 10.78 17.01
C ALA A 167 4.95 12.12 16.94
N LYS A 168 3.81 12.22 17.61
CA LYS A 168 3.05 13.48 17.63
C LYS A 168 3.73 14.56 18.49
N ARG A 169 4.41 14.13 19.55
N ARG A 169 4.42 14.15 19.55
CA ARG A 169 5.25 15.03 20.36
CA ARG A 169 5.21 15.12 20.31
C ARG A 169 6.32 15.69 19.48
C ARG A 169 6.31 15.73 19.45
N TRP A 170 6.93 14.92 18.58
CA TRP A 170 7.87 15.45 17.57
C TRP A 170 7.23 16.58 16.75
N LEU A 171 6.02 16.34 16.23
CA LEU A 171 5.33 17.34 15.40
C LEU A 171 5.07 18.67 16.14
N TYR A 172 4.63 18.57 17.39
CA TYR A 172 4.36 19.75 18.20
C TYR A 172 5.59 20.42 18.82
N GLN A 173 6.50 19.61 19.34
CA GLN A 173 7.70 20.13 20.02
C GLN A 173 8.92 20.35 19.14
N ARG A 174 9.02 19.57 18.06
N ARG A 174 9.02 19.56 18.06
CA ARG A 174 10.17 19.61 17.18
CA ARG A 174 10.18 19.59 17.15
C ARG A 174 9.74 19.73 15.72
C ARG A 174 9.73 19.73 15.70
N PRO A 175 8.93 20.75 15.37
CA PRO A 175 8.35 20.85 14.03
C PRO A 175 9.39 20.92 12.90
N GLN A 176 10.49 21.64 13.15
CA GLN A 176 11.53 21.79 12.14
C GLN A 176 12.27 20.47 11.88
N ALA A 177 12.66 19.79 12.95
CA ALA A 177 13.30 18.46 12.85
C ALA A 177 12.35 17.47 12.22
N SER A 178 11.05 17.60 12.50
CA SER A 178 10.05 16.70 11.90
C SER A 178 9.97 16.91 10.41
N HIS A 179 9.83 18.17 9.98
CA HIS A 179 9.88 18.49 8.56
C HIS A 179 11.18 17.98 7.91
N GLN A 180 12.30 18.11 8.59
CA GLN A 180 13.57 17.59 8.07
C GLN A 180 13.52 16.08 7.84
N LEU A 181 13.04 15.34 8.84
CA LEU A 181 12.86 13.88 8.71
C LEU A 181 11.88 13.52 7.57
N LEU A 182 10.80 14.28 7.46
CA LEU A 182 9.76 13.99 6.47
C LEU A 182 10.26 14.26 5.06
N ARG A 183 11.12 15.27 4.93
CA ARG A 183 11.80 15.56 3.67
C ARG A 183 12.82 14.46 3.31
N ILE A 184 13.63 14.04 4.27
CA ILE A 184 14.56 12.91 4.06
C ILE A 184 13.77 11.70 3.53
N LEU A 185 12.67 11.37 4.20
CA LEU A 185 11.84 10.23 3.78
C LEU A 185 11.28 10.40 2.34
N THR A 186 10.79 11.59 2.03
CA THR A 186 10.27 11.89 0.70
C THR A 186 11.36 11.72 -0.38
N ASP A 187 12.54 12.25 -0.08
CA ASP A 187 13.67 12.20 -1.02
C ASP A 187 14.22 10.78 -1.20
N ALA A 188 14.01 9.88 -0.22
CA ALA A 188 14.36 8.44 -0.37
C ALA A 188 13.28 7.74 -1.14
N LEU A 189 12.02 8.04 -0.84
CA LEU A 189 10.88 7.38 -1.46
C LEU A 189 10.74 7.62 -2.97
N VAL A 190 10.89 8.86 -3.39
CA VAL A 190 10.77 9.18 -4.82
C VAL A 190 11.68 8.29 -5.72
N PRO A 191 13.02 8.30 -5.56
CA PRO A 191 13.85 7.43 -6.42
C PRO A 191 13.58 5.92 -6.26
N TYR A 192 13.17 5.52 -5.05
CA TYR A 192 12.79 4.13 -4.78
C TYR A 192 11.57 3.72 -5.59
N LEU A 193 10.51 4.53 -5.51
CA LEU A 193 9.26 4.29 -6.26
C LEU A 193 9.48 4.32 -7.78
N VAL A 194 10.24 5.33 -8.24
CA VAL A 194 10.63 5.37 -9.65
C VAL A 194 11.34 4.08 -10.05
N GLY A 195 12.29 3.64 -9.22
CA GLY A 195 13.03 2.38 -9.45
C GLY A 195 12.10 1.16 -9.55
N GLN A 196 11.06 1.12 -8.73
CA GLN A 196 10.10 0.03 -8.78
C GLN A 196 9.44 -0.05 -10.15
N VAL A 197 9.10 1.12 -10.67
CA VAL A 197 8.45 1.18 -11.97
C VAL A 197 9.44 0.82 -13.09
N VAL A 198 10.67 1.36 -13.02
CA VAL A 198 11.76 1.01 -13.96
C VAL A 198 11.95 -0.54 -13.99
N ALA A 199 11.89 -1.16 -12.81
CA ALA A 199 12.04 -2.61 -12.65
C ALA A 199 10.84 -3.43 -13.11
N GLY A 200 9.70 -2.77 -13.33
CA GLY A 200 8.53 -3.44 -13.86
C GLY A 200 7.17 -3.23 -13.20
N ALA A 201 7.12 -2.55 -12.06
CA ALA A 201 5.83 -2.28 -11.39
C ALA A 201 4.93 -1.50 -12.35
N GLN A 202 3.66 -1.89 -12.40
CA GLN A 202 2.67 -1.30 -13.31
C GLN A 202 1.67 -0.34 -12.62
N ALA A 203 1.80 -0.23 -11.29
CA ALA A 203 0.97 0.64 -10.44
C ALA A 203 1.72 0.77 -9.10
N LEU A 204 1.47 1.85 -8.36
CA LEU A 204 2.10 2.09 -7.06
C LEU A 204 1.06 2.44 -6.01
N GLN A 205 1.20 1.80 -4.85
CA GLN A 205 0.37 2.19 -3.73
C GLN A 205 1.23 2.78 -2.62
N LEU A 206 0.85 3.95 -2.13
CA LEU A 206 1.49 4.56 -0.97
C LEU A 206 0.59 4.31 0.28
N PHE A 207 1.18 3.65 1.29
CA PHE A 207 0.47 3.30 2.53
C PHE A 207 0.67 4.37 3.62
N GLU A 208 -0.34 5.22 3.82
CA GLU A 208 -0.37 6.13 4.97
C GLU A 208 -1.19 5.43 6.07
N SER A 209 -0.64 4.34 6.58
CA SER A 209 -1.36 3.49 7.55
C SER A 209 -1.67 4.13 8.89
N HIS A 210 -0.88 5.14 9.27
N HIS A 210 -0.88 5.13 9.28
CA HIS A 210 -1.05 5.82 10.56
CA HIS A 210 -1.08 5.81 10.55
C HIS A 210 -1.67 7.21 10.49
C HIS A 210 -1.62 7.24 10.45
N ALA A 211 -2.36 7.50 9.37
CA ALA A 211 -2.99 8.80 9.14
C ALA A 211 -3.97 9.20 10.24
N GLY A 212 -4.68 8.21 10.77
CA GLY A 212 -5.77 8.43 11.73
C GLY A 212 -5.36 8.99 13.07
N HIS A 213 -4.09 8.87 13.43
N HIS A 213 -4.07 8.96 13.36
CA HIS A 213 -3.67 9.40 14.70
CA HIS A 213 -3.55 9.59 14.55
C HIS A 213 -3.60 10.91 14.61
C HIS A 213 -3.54 11.12 14.45
N LEU A 214 -3.57 11.42 13.38
N LEU A 214 -3.50 11.64 13.22
CA LEU A 214 -3.59 12.85 13.17
CA LEU A 214 -3.25 13.09 13.06
C LEU A 214 -5.01 13.38 12.94
C LEU A 214 -4.46 14.02 13.25
N GLY A 215 -5.26 14.60 13.38
N GLY A 215 -5.55 13.79 12.53
CA GLY A 215 -6.46 15.29 12.95
CA GLY A 215 -6.62 14.79 12.49
C GLY A 215 -6.20 15.95 11.60
C GLY A 215 -6.19 15.97 11.61
N PRO A 216 -7.18 16.72 11.11
CA PRO A 216 -7.01 17.52 9.91
C PRO A 216 -5.84 18.51 9.94
N GLN A 217 -5.70 19.29 11.01
CA GLN A 217 -4.69 20.35 11.04
C GLN A 217 -3.27 19.78 10.95
N LEU A 218 -2.94 18.78 11.76
CA LEU A 218 -1.61 18.19 11.73
C LEU A 218 -1.36 17.43 10.42
N PHE A 219 -2.38 16.72 9.95
CA PHE A 219 -2.30 16.00 8.69
C PHE A 219 -1.95 16.94 7.53
N ASN A 220 -2.68 18.05 7.44
CA ASN A 220 -2.40 19.04 6.38
C ASN A 220 -1.02 19.70 6.48
N LYS A 221 -0.48 19.83 7.70
CA LYS A 221 0.84 20.42 7.87
C LYS A 221 1.97 19.45 7.59
N PHE A 222 1.83 18.21 8.10
CA PHE A 222 2.96 17.29 8.17
C PHE A 222 2.86 16.03 7.30
N ALA A 223 1.67 15.66 6.87
CA ALA A 223 1.51 14.43 6.11
C ALA A 223 1.21 14.76 4.64
N LEU A 224 0.24 15.64 4.42
CA LEU A 224 -0.26 15.90 3.08
C LEU A 224 0.78 16.47 2.11
N PRO A 225 1.62 17.45 2.52
CA PRO A 225 2.58 18.06 1.59
C PRO A 225 3.51 17.01 0.97
N TYR A 226 3.94 16.06 1.80
CA TYR A 226 4.88 15.01 1.38
C TYR A 226 4.20 13.95 0.54
N ILE A 227 2.96 13.61 0.91
CA ILE A 227 2.12 12.76 0.05
C ILE A 227 2.03 13.39 -1.38
N ARG A 228 1.70 14.68 -1.42
CA ARG A 228 1.62 15.42 -2.67
C ARG A 228 2.96 15.40 -3.42
N ASP A 229 4.04 15.73 -2.71
CA ASP A 229 5.38 15.75 -3.33
C ASP A 229 5.77 14.39 -3.92
N VAL A 230 5.46 13.30 -3.19
CA VAL A 230 5.83 11.95 -3.69
C VAL A 230 5.21 11.73 -5.10
N ALA A 231 3.92 12.01 -5.25
CA ALA A 231 3.23 11.79 -6.52
C ALA A 231 3.78 12.70 -7.62
N LYS A 232 3.93 14.00 -7.32
CA LYS A 232 4.42 15.00 -8.29
C LYS A 232 5.79 14.58 -8.84
N GLN A 233 6.70 14.27 -7.91
CA GLN A 233 8.07 13.94 -8.25
C GLN A 233 8.26 12.62 -8.95
N VAL A 234 7.51 11.59 -8.56
CA VAL A 234 7.62 10.28 -9.22
C VAL A 234 7.15 10.39 -10.69
N LYS A 235 5.95 10.94 -10.88
CA LYS A 235 5.39 11.17 -12.20
C LYS A 235 6.37 11.93 -13.08
N ALA A 236 6.98 12.98 -12.52
CA ALA A 236 7.93 13.82 -13.27
C ALA A 236 9.17 13.06 -13.68
N ARG A 237 9.72 12.29 -12.75
CA ARG A 237 10.91 11.51 -13.07
C ARG A 237 10.62 10.40 -14.08
N LEU A 238 9.46 9.76 -14.02
CA LEU A 238 9.16 8.75 -15.00
C LEU A 238 9.05 9.32 -16.42
N ARG A 239 8.41 10.49 -16.54
N ARG A 239 8.42 10.48 -16.55
CA ARG A 239 8.26 11.21 -17.79
CA ARG A 239 8.27 11.16 -17.84
C ARG A 239 9.63 11.51 -18.39
C ARG A 239 9.63 11.51 -18.41
N GLU A 240 10.48 12.10 -17.56
CA GLU A 240 11.84 12.46 -17.95
C GLU A 240 12.64 11.25 -18.37
N ALA A 241 12.39 10.08 -17.78
CA ALA A 241 13.13 8.89 -18.13
C ALA A 241 12.59 8.27 -19.42
N GLY A 242 11.52 8.85 -19.96
CA GLY A 242 10.92 8.30 -21.17
C GLY A 242 9.95 7.16 -20.91
N LEU A 243 9.51 7.02 -19.66
CA LEU A 243 8.65 5.92 -19.29
C LEU A 243 7.23 6.40 -19.11
N ALA A 244 6.29 5.48 -19.18
CA ALA A 244 4.89 5.79 -18.94
C ALA A 244 4.64 5.85 -17.44
N PRO A 245 4.10 6.95 -16.91
N PRO A 245 3.72 6.74 -17.10
CA PRO A 245 3.62 6.94 -15.52
CA PRO A 245 3.22 6.89 -15.76
C PRO A 245 2.50 5.91 -15.27
C PRO A 245 2.57 5.58 -15.37
N VAL A 246 2.49 5.33 -14.06
CA VAL A 246 1.62 4.25 -13.64
C VAL A 246 0.56 4.89 -12.75
N PRO A 247 -0.60 4.26 -12.63
CA PRO A 247 -1.63 4.77 -11.72
C PRO A 247 -1.08 4.72 -10.30
N MET A 248 -1.32 5.77 -9.52
CA MET A 248 -0.88 5.82 -8.13
C MET A 248 -2.08 5.83 -7.16
N ILE A 249 -1.93 5.09 -6.07
CA ILE A 249 -3.00 4.88 -5.12
C ILE A 249 -2.49 5.44 -3.79
N ILE A 250 -3.27 6.32 -3.18
CA ILE A 250 -2.98 6.73 -1.81
C ILE A 250 -3.98 6.06 -0.87
N PHE A 251 -3.46 5.39 0.16
CA PHE A 251 -4.33 4.76 1.17
C PHE A 251 -4.02 5.34 2.55
N ALA A 252 -4.90 6.22 3.02
CA ALA A 252 -4.75 6.82 4.35
C ALA A 252 -5.71 6.13 5.30
N LYS A 253 -5.20 5.16 6.04
CA LYS A 253 -6.05 4.38 6.93
C LYS A 253 -6.53 5.29 8.07
N ASP A 254 -7.84 5.31 8.30
CA ASP A 254 -8.51 6.13 9.31
C ASP A 254 -8.43 7.61 8.93
N GLY A 255 -8.30 7.84 7.62
CA GLY A 255 -8.15 9.17 7.04
C GLY A 255 -9.40 9.79 6.46
N HIS A 256 -10.56 9.48 7.08
CA HIS A 256 -11.86 10.03 6.65
C HIS A 256 -11.83 11.55 6.50
N PHE A 257 -11.12 12.22 7.41
CA PHE A 257 -11.09 13.67 7.51
C PHE A 257 -10.28 14.31 6.37
N ALA A 258 -9.52 13.48 5.65
CA ALA A 258 -8.58 14.00 4.64
C ALA A 258 -9.02 13.69 3.20
N LEU A 259 -10.18 13.06 3.04
CA LEU A 259 -10.54 12.55 1.70
C LEU A 259 -10.59 13.63 0.62
N GLU A 260 -11.14 14.80 0.94
CA GLU A 260 -11.23 15.85 -0.06
C GLU A 260 -9.84 16.27 -0.52
N GLU A 261 -8.94 16.45 0.45
N GLU A 261 -8.92 16.48 0.42
CA GLU A 261 -7.55 16.83 0.25
CA GLU A 261 -7.54 16.87 0.10
C GLU A 261 -6.81 15.78 -0.59
C GLU A 261 -6.86 15.75 -0.70
N LEU A 262 -7.05 14.51 -0.26
CA LEU A 262 -6.42 13.35 -0.91
C LEU A 262 -6.88 13.21 -2.36
N ALA A 263 -8.12 13.59 -2.64
CA ALA A 263 -8.65 13.52 -4.02
C ALA A 263 -8.00 14.57 -4.95
N GLN A 264 -7.33 15.56 -4.36
N GLN A 264 -7.31 15.54 -4.34
CA GLN A 264 -6.61 16.59 -5.12
CA GLN A 264 -6.61 16.63 -5.04
C GLN A 264 -5.11 16.53 -4.84
C GLN A 264 -5.10 16.42 -5.10
N ALA A 265 -4.62 15.35 -4.46
CA ALA A 265 -3.19 15.18 -4.15
C ALA A 265 -2.32 14.55 -5.25
N GLY A 266 -2.90 14.27 -6.41
CA GLY A 266 -2.14 13.76 -7.58
C GLY A 266 -2.17 12.26 -7.72
N TYR A 267 -3.14 11.62 -7.06
CA TYR A 267 -3.29 10.17 -7.12
C TYR A 267 -4.49 9.81 -7.96
N GLU A 268 -4.34 8.79 -8.81
CA GLU A 268 -5.46 8.29 -9.62
C GLU A 268 -6.53 7.65 -8.75
N VAL A 269 -6.10 6.99 -7.66
CA VAL A 269 -6.97 6.19 -6.81
C VAL A 269 -6.81 6.59 -5.34
N VAL A 270 -7.94 6.72 -4.64
CA VAL A 270 -7.96 6.88 -3.18
C VAL A 270 -8.53 5.58 -2.55
N GLY A 271 -7.70 4.92 -1.76
CA GLY A 271 -8.13 3.72 -1.04
C GLY A 271 -8.77 4.12 0.27
N LEU A 272 -9.79 3.37 0.64
CA LEU A 272 -10.60 3.70 1.81
C LEU A 272 -10.56 2.58 2.80
N ASP A 273 -10.57 2.94 4.08
CA ASP A 273 -10.85 1.96 5.12
C ASP A 273 -12.35 1.66 5.20
N TRP A 274 -12.71 0.67 6.01
CA TRP A 274 -14.10 0.20 6.08
C TRP A 274 -15.06 1.10 6.88
N THR A 275 -14.53 2.10 7.59
CA THR A 275 -15.42 2.95 8.41
C THR A 275 -16.09 4.06 7.60
N VAL A 276 -15.60 4.30 6.39
CA VAL A 276 -16.14 5.34 5.51
C VAL A 276 -17.24 4.72 4.64
N ALA A 277 -18.48 5.25 4.72
CA ALA A 277 -19.55 4.78 3.84
C ALA A 277 -19.17 5.13 2.39
N PRO A 278 -19.26 4.17 1.46
CA PRO A 278 -18.90 4.40 0.06
C PRO A 278 -19.55 5.66 -0.51
N LYS A 279 -20.86 5.83 -0.30
CA LYS A 279 -21.52 7.05 -0.78
C LYS A 279 -20.96 8.35 -0.23
N LYS A 280 -20.65 8.41 1.06
CA LYS A 280 -20.02 9.61 1.60
C LYS A 280 -18.63 9.88 1.04
N ALA A 281 -17.84 8.82 0.88
CA ALA A 281 -16.53 8.93 0.26
C ALA A 281 -16.63 9.51 -1.16
N ARG A 282 -17.62 9.04 -1.92
CA ARG A 282 -17.84 9.49 -3.30
C ARG A 282 -18.16 11.01 -3.30
N GLU A 283 -19.00 11.47 -2.38
CA GLU A 283 -19.23 12.92 -2.18
C GLU A 283 -17.94 13.68 -1.87
N CYS A 284 -17.09 13.13 -1.00
CA CYS A 284 -15.83 13.79 -0.66
C CYS A 284 -14.91 13.94 -1.84
N VAL A 285 -14.75 12.87 -2.61
CA VAL A 285 -13.67 12.84 -3.58
C VAL A 285 -14.12 13.38 -4.93
N GLY A 286 -15.43 13.39 -5.17
CA GLY A 286 -15.95 13.80 -6.46
C GLY A 286 -15.85 12.70 -7.49
N LYS A 287 -15.95 13.11 -8.75
CA LYS A 287 -16.13 12.17 -9.86
C LYS A 287 -14.88 11.90 -10.68
N THR A 288 -13.74 12.49 -10.35
CA THR A 288 -12.55 12.26 -11.16
C THR A 288 -11.43 11.44 -10.50
N VAL A 289 -11.68 10.90 -9.30
CA VAL A 289 -10.79 9.86 -8.78
C VAL A 289 -11.49 8.52 -8.72
N THR A 290 -10.71 7.46 -8.83
CA THR A 290 -11.18 6.11 -8.60
C THR A 290 -11.06 5.84 -7.08
N LEU A 291 -12.06 5.17 -6.54
CA LEU A 291 -12.05 4.71 -5.13
C LEU A 291 -11.67 3.24 -5.07
N GLN A 292 -10.89 2.86 -4.06
CA GLN A 292 -10.55 1.45 -3.90
C GLN A 292 -10.97 1.01 -2.49
N GLY A 293 -11.53 -0.20 -2.37
CA GLY A 293 -11.90 -0.77 -1.07
C GLY A 293 -13.31 -1.33 -1.10
N ASN A 294 -13.99 -1.42 0.05
CA ASN A 294 -13.43 -1.06 1.37
C ASN A 294 -13.95 -2.04 2.42
N LEU A 295 -14.19 -3.30 2.04
CA LEU A 295 -14.93 -4.22 2.92
C LEU A 295 -14.20 -4.44 4.25
N ASP A 296 -14.93 -4.32 5.36
CA ASP A 296 -14.36 -4.74 6.65
C ASP A 296 -13.62 -6.08 6.48
N PRO A 297 -12.31 -6.15 6.72
CA PRO A 297 -11.63 -7.44 6.55
C PRO A 297 -12.27 -8.52 7.47
N CYS A 298 -12.73 -8.14 8.67
CA CYS A 298 -13.38 -9.10 9.54
C CYS A 298 -14.66 -9.68 8.97
N ALA A 299 -15.28 -9.02 7.99
CA ALA A 299 -16.47 -9.58 7.32
C ALA A 299 -16.18 -10.96 6.72
N LEU A 300 -14.90 -11.26 6.49
CA LEU A 300 -14.53 -12.55 5.92
C LEU A 300 -14.58 -13.69 6.95
N TYR A 301 -14.87 -13.36 8.20
CA TYR A 301 -15.18 -14.37 9.22
C TYR A 301 -16.62 -14.85 9.09
N ALA A 302 -17.46 -14.06 8.42
CA ALA A 302 -18.84 -14.48 8.14
C ALA A 302 -18.87 -15.67 7.16
N SER A 303 -20.04 -16.28 6.97
CA SER A 303 -20.19 -17.41 6.05
C SER A 303 -20.00 -16.95 4.61
N GLU A 304 -19.59 -17.86 3.74
CA GLU A 304 -19.48 -17.51 2.32
C GLU A 304 -20.75 -16.85 1.78
N GLU A 305 -21.92 -17.35 2.18
CA GLU A 305 -23.22 -16.75 1.79
C GLU A 305 -23.38 -15.30 2.25
N GLU A 306 -23.01 -15.03 3.51
CA GLU A 306 -23.00 -13.69 4.08
C GLU A 306 -21.99 -12.73 3.38
N ILE A 307 -20.78 -13.21 3.12
CA ILE A 307 -19.78 -12.44 2.38
C ILE A 307 -20.36 -11.97 1.04
N GLY A 308 -21.03 -12.87 0.34
CA GLY A 308 -21.67 -12.53 -0.94
C GLY A 308 -22.68 -11.42 -0.79
N GLN A 309 -23.55 -11.51 0.24
CA GLN A 309 -24.54 -10.44 0.48
C GLN A 309 -23.88 -9.11 0.87
N LEU A 310 -22.82 -9.16 1.69
CA LEU A 310 -22.13 -7.93 2.06
C LEU A 310 -21.43 -7.29 0.85
N VAL A 311 -20.81 -8.12 0.02
CA VAL A 311 -20.16 -7.66 -1.23
C VAL A 311 -21.18 -7.00 -2.16
N LYS A 312 -22.35 -7.63 -2.32
CA LYS A 312 -23.44 -7.09 -3.13
C LYS A 312 -23.85 -5.72 -2.65
N GLN A 313 -24.06 -5.58 -1.33
CA GLN A 313 -24.38 -4.28 -0.77
C GLN A 313 -23.28 -3.26 -1.07
N MET A 314 -22.03 -3.61 -0.79
CA MET A 314 -20.89 -2.73 -1.04
C MET A 314 -20.87 -2.22 -2.50
N LEU A 315 -21.01 -3.15 -3.44
CA LEU A 315 -20.98 -2.80 -4.88
C LEU A 315 -22.16 -1.89 -5.29
N ASP A 316 -23.34 -2.14 -4.71
CA ASP A 316 -24.49 -1.22 -4.86
C ASP A 316 -24.12 0.21 -4.41
N ASP A 317 -23.42 0.35 -3.28
CA ASP A 317 -23.09 1.67 -2.78
C ASP A 317 -22.03 2.41 -3.60
N PHE A 318 -21.04 1.67 -4.07
CA PHE A 318 -19.98 2.28 -4.85
C PHE A 318 -20.47 2.60 -6.26
N GLY A 319 -21.33 1.74 -6.79
CA GLY A 319 -21.76 1.82 -8.19
C GLY A 319 -20.65 1.32 -9.12
N PRO A 320 -20.94 1.18 -10.40
CA PRO A 320 -20.00 0.49 -11.30
C PRO A 320 -18.77 1.28 -11.76
N HIS A 321 -18.82 2.61 -11.77
CA HIS A 321 -17.77 3.45 -12.35
C HIS A 321 -16.69 3.81 -11.33
N ARG A 322 -15.45 3.96 -11.79
N ARG A 322 -15.45 3.93 -11.81
CA ARG A 322 -14.39 4.54 -10.97
CA ARG A 322 -14.33 4.47 -11.04
C ARG A 322 -14.20 3.77 -9.66
C ARG A 322 -14.19 3.76 -9.68
N TYR A 323 -14.14 2.43 -9.74
CA TYR A 323 -14.10 1.60 -8.54
C TYR A 323 -13.28 0.32 -8.72
N ILE A 324 -12.41 0.07 -7.74
CA ILE A 324 -11.60 -1.16 -7.62
C ILE A 324 -11.96 -1.73 -6.24
N ALA A 325 -12.46 -2.96 -6.21
CA ALA A 325 -12.79 -3.62 -4.96
C ALA A 325 -11.53 -4.06 -4.20
N ASN A 326 -11.56 -3.91 -2.88
CA ASN A 326 -10.53 -4.44 -2.01
C ASN A 326 -11.19 -4.49 -0.62
N LEU A 327 -10.48 -5.07 0.34
CA LEU A 327 -10.85 -4.87 1.73
C LEU A 327 -10.50 -3.47 2.19
N GLY A 328 -11.01 -3.12 3.39
CA GLY A 328 -10.71 -1.82 4.03
C GLY A 328 -9.38 -1.83 4.74
N HIS A 329 -8.72 -2.98 4.80
CA HIS A 329 -7.35 -3.08 5.35
C HIS A 329 -6.80 -4.46 4.92
N GLY A 330 -5.66 -4.88 5.46
CA GLY A 330 -5.08 -6.14 5.03
C GLY A 330 -5.80 -7.33 5.63
N LEU A 331 -5.71 -8.45 4.94
CA LEU A 331 -6.19 -9.75 5.44
C LEU A 331 -5.53 -10.12 6.77
N TYR A 332 -6.29 -10.68 7.70
CA TYR A 332 -5.71 -11.09 9.01
C TYR A 332 -5.20 -12.54 8.94
N PRO A 333 -4.20 -12.89 9.75
CA PRO A 333 -3.52 -14.20 9.64
C PRO A 333 -4.37 -15.40 9.99
N ASP A 334 -5.48 -15.20 10.70
CA ASP A 334 -6.40 -16.32 11.05
C ASP A 334 -7.56 -16.50 10.08
N MET A 335 -7.52 -15.83 8.94
CA MET A 335 -8.63 -15.90 7.98
C MET A 335 -8.59 -17.13 7.05
N ASP A 336 -9.76 -17.56 6.62
CA ASP A 336 -9.89 -18.80 5.86
C ASP A 336 -9.70 -18.47 4.37
N PRO A 337 -8.71 -19.07 3.72
CA PRO A 337 -8.56 -18.89 2.26
C PRO A 337 -9.86 -19.08 1.46
N GLU A 338 -10.72 -20.04 1.82
CA GLU A 338 -11.97 -20.22 1.07
C GLU A 338 -12.85 -18.98 1.13
N HIS A 339 -12.79 -18.25 2.24
N HIS A 339 -12.76 -18.24 2.24
CA HIS A 339 -13.60 -17.05 2.37
CA HIS A 339 -13.58 -17.05 2.42
C HIS A 339 -13.04 -15.89 1.55
C HIS A 339 -13.03 -15.87 1.60
N VAL A 340 -11.70 -15.85 1.43
CA VAL A 340 -11.04 -14.87 0.53
C VAL A 340 -11.49 -15.18 -0.93
N GLY A 341 -11.48 -16.47 -1.28
CA GLY A 341 -12.03 -16.98 -2.55
C GLY A 341 -13.45 -16.51 -2.78
N ALA A 342 -14.30 -16.67 -1.76
CA ALA A 342 -15.69 -16.19 -1.81
C ALA A 342 -15.79 -14.68 -2.05
N PHE A 343 -14.92 -13.89 -1.41
CA PHE A 343 -14.91 -12.45 -1.61
C PHE A 343 -14.59 -12.15 -3.11
N VAL A 344 -13.54 -12.77 -3.63
CA VAL A 344 -13.16 -12.57 -5.05
C VAL A 344 -14.29 -12.93 -6.02
N ASP A 345 -14.88 -14.11 -5.85
CA ASP A 345 -15.94 -14.58 -6.73
C ASP A 345 -17.14 -13.67 -6.68
N ALA A 346 -17.46 -13.17 -5.48
CA ALA A 346 -18.59 -12.29 -5.28
C ALA A 346 -18.47 -10.92 -5.94
N VAL A 347 -17.27 -10.32 -5.91
CA VAL A 347 -17.07 -9.04 -6.59
C VAL A 347 -17.28 -9.22 -8.11
N HIS A 348 -16.71 -10.30 -8.65
CA HIS A 348 -16.84 -10.66 -10.07
C HIS A 348 -18.32 -10.97 -10.43
N LYS A 349 -18.96 -11.87 -9.70
CA LYS A 349 -20.36 -12.19 -9.99
C LYS A 349 -21.26 -10.95 -9.92
N HIS A 350 -21.28 -10.25 -8.77
N HIS A 350 -21.23 -10.24 -8.79
CA HIS A 350 -22.22 -9.13 -8.61
CA HIS A 350 -22.16 -9.13 -8.56
C HIS A 350 -21.93 -7.92 -9.49
C HIS A 350 -21.92 -7.90 -9.42
N SER A 351 -20.65 -7.63 -9.74
CA SER A 351 -20.32 -6.44 -10.56
C SER A 351 -20.82 -6.61 -12.01
N ARG A 352 -20.80 -7.84 -12.50
CA ARG A 352 -21.39 -8.19 -13.79
C ARG A 352 -22.91 -8.01 -13.77
N LEU A 353 -23.57 -8.62 -12.80
CA LEU A 353 -25.02 -8.45 -12.58
C LEU A 353 -25.42 -7.00 -12.46
N LEU A 354 -24.57 -6.16 -11.85
CA LEU A 354 -24.86 -4.72 -11.70
C LEU A 354 -24.72 -3.96 -13.03
N ARG A 355 -24.09 -4.58 -14.02
CA ARG A 355 -23.94 -3.99 -15.36
C ARG A 355 -24.94 -4.54 -16.37
N GLN A 356 -25.11 -5.86 -16.38
CA GLN A 356 -25.92 -6.55 -17.37
C GLN A 356 -27.08 -7.26 -16.69
O2R CP3 B . -1.11 -0.87 6.90
C63 CP3 B . -0.75 -1.92 6.30
O1R CP3 B . -0.95 -3.05 6.75
C62 CP3 B . -0.05 -1.82 4.97
C61 CP3 B . 1.29 -1.10 5.12
C18 CP3 B . 2.29 -1.95 5.86
C19 CP3 B . 2.99 -2.95 5.32
N24 CP3 B . 3.85 -3.50 6.27
C20 CP3 B . 2.82 -3.35 3.89
C1 CP3 B . 3.09 -4.79 3.55
C17 CP3 B . 2.70 -1.83 7.21
C86 CP3 B . 2.14 -0.81 8.16
C16 CP3 B . 3.64 -2.79 7.44
C15 CP3 B . 4.40 -3.05 8.74
C14 CP3 B . 4.42 -4.53 9.09
N23 CP3 B . 5.19 -5.51 8.48
C13 CP3 B . 3.68 -5.11 10.05
C51 CP3 B . 2.66 -4.42 10.96
C52 CP3 B . 3.37 -3.75 12.13
C53 CP3 B . 2.40 -2.91 12.94
O2M CP3 B . 1.27 -3.39 13.25
O1M CP3 B . 2.79 -1.78 13.29
C12 CP3 B . 3.99 -6.49 10.06
C81 CP3 B . 3.37 -7.51 11.01
C11 CP3 B . 4.94 -6.72 9.09
C10 CP3 B . 5.57 -8.06 8.71
C6 CP3 B . 4.95 -8.59 7.42
N22 CP3 B . 5.08 -7.99 6.19
C7 CP3 B . 4.14 -9.69 7.22
C7A CP3 B . 3.69 -10.66 8.28
C8 CP3 B . 3.78 -9.75 5.86
C41 CP3 B . 2.89 -10.81 5.22
C42 CP3 B . 1.38 -10.47 5.32
C43 CP3 B . 0.70 -10.90 6.63
O28 CP3 B . 0.34 -10.02 7.44
O18 CP3 B . 0.53 -12.14 6.89
C9 CP3 B . 4.38 -8.69 5.24
C5 CP3 B . 4.34 -8.30 3.77
C4 CP3 B . 3.75 -6.93 3.48
N21 CP3 B . 3.78 -5.79 4.25
C3 CP3 B . 3.08 -6.63 2.34
C2 CP3 B . 2.67 -5.28 2.37
C2A CP3 B . 1.90 -4.44 1.37
C31 CP3 B . 2.95 -7.65 1.24
C32 CP3 B . 1.97 -7.46 0.11
C33 CP3 B . 1.42 -8.86 0.21
O13 CP3 B . 0.33 -9.16 -0.29
O23 CP3 B . 2.15 -9.66 0.86
#